data_8F57
#
_entry.id   8F57
#
_cell.length_a   174.907
_cell.length_b   174.907
_cell.length_c   123.252
_cell.angle_alpha   90.00
_cell.angle_beta   90.00
_cell.angle_gamma   120.00
#
_symmetry.space_group_name_H-M   'H 3 2'
#
loop_
_entity.id
_entity.type
_entity.pdbx_description
1 polymer 'N-acetyltransferase Eis'
2 non-polymer 'DIMETHYL SULFOXIDE'
3 non-polymer (1E)-1-[(4-chlorophenyl)methylidene]-2-(3-fluorophenyl)hydrazine
4 non-polymer DI(HYDROXYETHYL)ETHER
5 non-polymer GLYCEROL
6 water water
#
_entity_poly.entity_id   1
_entity_poly.type   'polypeptide(L)'
_entity_poly.pdbx_seq_one_letter_code
;MGSSHHHHHHSSGLVPRGSHMTVTLCSPTEDDWPGMFLLAAASFTDFIGPESATAWRTLVPTDGAVVVRDGAGPGSEVVG
MALYMDLRLTVPGEVVLPTAGLSFVAVAPTHRRRGLLRAMCAELHRRIADSGYPVAALHASEGGIYGRFGYGPATTLHEL
TVDRRFARFHADAPGGGLGGSSVRLVRPTEHRGEFEAIYERWRQQVPGGLLRPQVLWDELLAEAKAAPGGDRESFALLHP
DGYALYRVDRTDLKLARVSELRAVTADAHCALWRALIGLDSMERISIITHPQDPLPHLLTDTRLARTTWRQDGLWLRIMN
VPAALEARGYAHEVGEFSTVLEVSDGGRFALKIGDGRARCTPTDAAAEIEMDRDVLGSLYLGAHRASTLAAANRLRTKDS
QLLRRLDAAFASDVPVQTAFEF
;
_entity_poly.pdbx_strand_id   A
#
loop_
_chem_comp.id
_chem_comp.type
_chem_comp.name
_chem_comp.formula
DMS non-polymer 'DIMETHYL SULFOXIDE' 'C2 H6 O S'
GOL non-polymer GLYCEROL 'C3 H8 O3'
PEG non-polymer DI(HYDROXYETHYL)ETHER 'C4 H10 O3'
XEL non-polymer (1E)-1-[(4-chlorophenyl)methylidene]-2-(3-fluorophenyl)hydrazine 'C13 H10 Cl F N2'
#
# COMPACT_ATOMS: atom_id res chain seq x y z
N VAL A 23 8.14 27.86 -18.38
CA VAL A 23 8.08 26.88 -17.23
C VAL A 23 9.39 26.08 -17.22
N THR A 24 9.98 25.87 -16.04
CA THR A 24 11.26 25.13 -15.87
C THR A 24 11.12 24.12 -14.75
N LEU A 25 11.71 22.93 -14.90
CA LEU A 25 11.67 21.84 -13.89
C LEU A 25 13.02 21.78 -13.20
N CYS A 26 13.06 21.75 -11.87
CA CYS A 26 14.32 21.74 -11.09
C CYS A 26 14.09 21.34 -9.63
N SER A 27 15.16 20.94 -8.94
CA SER A 27 15.12 20.63 -7.50
C SER A 27 14.75 21.90 -6.73
N PRO A 28 13.79 21.83 -5.80
CA PRO A 28 13.34 23.03 -5.10
C PRO A 28 14.42 23.57 -4.15
N THR A 29 14.38 24.87 -3.87
CA THR A 29 15.25 25.53 -2.85
C THR A 29 14.42 25.65 -1.58
N GLU A 30 15.04 26.04 -0.46
CA GLU A 30 14.30 26.28 0.80
C GLU A 30 13.32 27.44 0.60
N ASP A 31 13.59 28.29 -0.41
CA ASP A 31 12.72 29.44 -0.76
C ASP A 31 11.52 29.00 -1.60
N ASP A 32 11.52 27.76 -2.08
CA ASP A 32 10.43 27.23 -2.96
C ASP A 32 9.36 26.54 -2.12
N TRP A 33 9.68 26.14 -0.88
CA TRP A 33 8.77 25.31 -0.04
C TRP A 33 7.52 26.07 0.36
N PRO A 34 7.59 27.39 0.66
CA PRO A 34 6.37 28.16 0.94
C PRO A 34 5.36 28.08 -0.23
N GLY A 35 5.86 28.22 -1.46
CA GLY A 35 5.03 28.09 -2.69
C GLY A 35 4.51 26.68 -2.87
N MET A 36 5.28 25.68 -2.41
CA MET A 36 4.89 24.25 -2.49
C MET A 36 3.80 23.95 -1.47
N PHE A 37 3.91 24.51 -0.25
CA PHE A 37 2.86 24.38 0.80
C PHE A 37 1.56 25.04 0.30
N LEU A 38 1.65 26.16 -0.41
CA LEU A 38 0.44 26.85 -0.97
C LEU A 38 -0.23 25.91 -1.97
N LEU A 39 0.53 25.38 -2.93
CA LEU A 39 0.00 24.46 -3.96
C LEU A 39 -0.56 23.20 -3.28
N ALA A 40 0.09 22.72 -2.22
CA ALA A 40 -0.35 21.54 -1.44
C ALA A 40 -1.72 21.80 -0.80
N ALA A 41 -1.82 22.90 -0.06
CA ALA A 41 -3.07 23.36 0.60
C ALA A 41 -4.21 23.45 -0.42
N ALA A 42 -3.93 23.94 -1.63
CA ALA A 42 -4.94 24.14 -2.68
C ALA A 42 -5.26 22.82 -3.39
N SER A 43 -4.37 21.83 -3.34
CA SER A 43 -4.46 20.61 -4.17
C SER A 43 -4.99 19.43 -3.37
N PHE A 44 -4.70 19.38 -2.06
CA PHE A 44 -5.03 18.25 -1.16
C PHE A 44 -5.87 18.76 0.02
N THR A 45 -7.15 18.38 0.05
CA THR A 45 -8.09 18.79 1.14
C THR A 45 -7.59 18.19 2.45
N ASP A 46 -6.89 17.05 2.39
CA ASP A 46 -6.37 16.33 3.58
C ASP A 46 -4.97 16.85 3.92
N PHE A 47 -4.59 18.04 3.44
CA PHE A 47 -3.22 18.58 3.64
C PHE A 47 -2.90 18.48 5.13
N ILE A 48 -1.89 17.67 5.46
CA ILE A 48 -1.44 17.45 6.87
C ILE A 48 -1.06 18.80 7.50
N GLY A 49 -0.62 19.76 6.68
CA GLY A 49 -0.20 21.10 7.14
C GLY A 49 1.31 21.24 7.08
N PRO A 50 1.85 22.48 7.11
CA PRO A 50 3.28 22.73 6.95
C PRO A 50 4.14 21.99 8.00
N GLU A 51 3.69 21.99 9.26
CA GLU A 51 4.42 21.33 10.37
C GLU A 51 4.49 19.82 10.11
N SER A 52 3.33 19.19 9.90
CA SER A 52 3.24 17.73 9.61
C SER A 52 4.00 17.43 8.31
N ALA A 53 3.85 18.29 7.29
CA ALA A 53 4.55 18.21 5.98
C ALA A 53 6.07 18.25 6.18
N THR A 54 6.56 18.99 7.19
CA THR A 54 8.01 19.12 7.50
C THR A 54 8.51 17.81 8.13
N ALA A 55 7.66 17.07 8.83
CA ALA A 55 8.02 15.76 9.41
C ALA A 55 8.23 14.73 8.29
N TRP A 56 7.26 14.57 7.38
CA TRP A 56 7.36 13.64 6.21
C TRP A 56 8.56 14.02 5.35
N ARG A 57 8.86 15.31 5.30
CA ARG A 57 9.95 15.88 4.47
C ARG A 57 11.29 15.22 4.84
N THR A 58 11.47 14.82 6.11
CA THR A 58 12.68 14.08 6.60
C THR A 58 12.81 12.72 5.88
N LEU A 59 11.78 12.25 5.17
CA LEU A 59 11.83 10.97 4.40
C LEU A 59 12.13 11.22 2.92
N VAL A 60 12.27 12.49 2.53
CA VAL A 60 12.61 12.84 1.12
C VAL A 60 14.12 12.98 1.04
N PRO A 61 14.80 12.19 0.18
CA PRO A 61 16.24 12.37 0.02
C PRO A 61 16.55 13.67 -0.72
N THR A 62 17.77 14.16 -0.54
CA THR A 62 18.40 15.18 -1.41
C THR A 62 18.12 14.77 -2.87
N ASP A 63 17.55 15.67 -3.67
CA ASP A 63 17.21 15.41 -5.10
C ASP A 63 16.00 14.46 -5.22
N GLY A 64 15.24 14.28 -4.13
CA GLY A 64 13.98 13.53 -4.13
C GLY A 64 12.78 14.35 -4.60
N ALA A 65 12.95 15.65 -4.83
CA ALA A 65 11.84 16.58 -5.19
C ALA A 65 12.14 17.34 -6.48
N VAL A 66 11.09 17.56 -7.28
CA VAL A 66 11.09 18.51 -8.44
C VAL A 66 9.96 19.52 -8.25
N VAL A 67 10.20 20.75 -8.71
CA VAL A 67 9.19 21.82 -8.83
C VAL A 67 9.23 22.33 -10.28
N VAL A 68 8.10 22.84 -10.75
CA VAL A 68 7.99 23.63 -11.99
C VAL A 68 7.66 25.07 -11.56
N ARG A 69 8.45 26.04 -12.01
CA ARG A 69 8.23 27.49 -11.74
C ARG A 69 7.76 28.13 -13.04
N ASP A 70 7.02 29.24 -12.98
CA ASP A 70 6.49 29.93 -14.20
C ASP A 70 7.60 30.78 -14.82
N SER A 76 9.70 33.65 -9.35
CA SER A 76 8.27 33.51 -9.70
C SER A 76 7.67 32.27 -9.00
N GLU A 77 6.45 31.87 -9.35
CA GLU A 77 5.62 30.98 -8.48
C GLU A 77 5.70 29.51 -8.90
N VAL A 78 5.46 28.63 -7.92
CA VAL A 78 5.45 27.14 -8.05
C VAL A 78 4.08 26.73 -8.60
N VAL A 79 4.09 26.10 -9.77
CA VAL A 79 2.88 25.66 -10.52
C VAL A 79 2.86 24.12 -10.67
N GLY A 80 3.92 23.46 -10.21
CA GLY A 80 4.12 22.00 -10.33
C GLY A 80 5.07 21.49 -9.27
N MET A 81 4.77 20.33 -8.69
CA MET A 81 5.69 19.69 -7.73
C MET A 81 5.42 18.19 -7.68
N ALA A 82 6.43 17.46 -7.24
CA ALA A 82 6.43 15.99 -7.10
C ALA A 82 7.67 15.60 -6.33
N LEU A 83 7.54 14.59 -5.49
CA LEU A 83 8.70 14.12 -4.73
C LEU A 83 8.53 12.63 -4.46
N TYR A 84 9.59 11.99 -4.02
CA TYR A 84 9.55 10.58 -3.57
C TYR A 84 10.19 10.52 -2.19
N MET A 85 9.72 9.54 -1.43
CA MET A 85 10.26 9.23 -0.10
C MET A 85 10.98 7.89 -0.17
N ASP A 86 12.04 7.77 0.62
CA ASP A 86 12.78 6.51 0.81
C ASP A 86 11.95 5.58 1.70
N LEU A 87 11.40 4.50 1.14
CA LEU A 87 10.57 3.52 1.88
C LEU A 87 11.22 2.14 1.79
N ARG A 88 10.76 1.23 2.65
CA ARG A 88 11.14 -0.21 2.68
C ARG A 88 9.87 -1.03 2.57
N LEU A 89 9.70 -1.73 1.46
CA LEU A 89 8.47 -2.49 1.14
C LEU A 89 8.79 -3.99 1.21
N THR A 90 7.94 -4.71 1.93
CA THR A 90 7.99 -6.18 2.07
C THR A 90 7.25 -6.77 0.88
N VAL A 91 7.88 -7.71 0.18
CA VAL A 91 7.31 -8.43 -0.98
C VAL A 91 7.31 -9.92 -0.61
N PRO A 92 6.58 -10.78 -1.35
CA PRO A 92 6.47 -12.20 -1.02
C PRO A 92 7.84 -12.87 -0.80
N GLY A 93 7.89 -13.78 0.17
CA GLY A 93 9.11 -14.41 0.69
C GLY A 93 9.77 -13.57 1.78
N GLU A 94 9.05 -12.60 2.36
CA GLU A 94 9.56 -11.73 3.46
C GLU A 94 10.82 -10.96 3.02
N VAL A 95 10.94 -10.64 1.73
CA VAL A 95 12.05 -9.81 1.19
C VAL A 95 11.64 -8.34 1.27
N VAL A 96 12.56 -7.49 1.73
CA VAL A 96 12.36 -6.02 1.89
C VAL A 96 13.12 -5.30 0.78
N LEU A 97 12.40 -4.56 -0.07
CA LEU A 97 13.01 -3.79 -1.18
C LEU A 97 13.08 -2.32 -0.82
N PRO A 98 14.21 -1.63 -1.10
CA PRO A 98 14.23 -0.18 -1.08
C PRO A 98 13.18 0.26 -2.11
N THR A 99 12.32 1.19 -1.73
CA THR A 99 11.15 1.60 -2.56
C THR A 99 11.06 3.11 -2.58
N ALA A 100 10.93 3.69 -3.77
CA ALA A 100 10.71 5.14 -3.95
C ALA A 100 9.20 5.42 -3.91
N GLY A 101 8.75 6.06 -2.84
CA GLY A 101 7.31 6.37 -2.63
C GLY A 101 6.95 7.77 -3.11
N LEU A 102 6.38 7.88 -4.31
CA LEU A 102 5.93 9.16 -4.90
C LEU A 102 4.78 9.72 -4.06
N SER A 103 4.79 11.03 -3.84
CA SER A 103 3.83 11.75 -2.98
C SER A 103 3.90 13.24 -3.28
N PHE A 104 2.90 14.00 -2.82
CA PHE A 104 2.88 15.48 -2.91
C PHE A 104 2.93 15.88 -4.39
N VAL A 105 2.30 15.09 -5.25
CA VAL A 105 2.25 15.33 -6.72
C VAL A 105 1.07 16.26 -7.00
N ALA A 106 1.34 17.43 -7.58
CA ALA A 106 0.32 18.48 -7.75
C ALA A 106 0.72 19.39 -8.91
N VAL A 107 -0.25 19.65 -9.77
CA VAL A 107 -0.19 20.71 -10.82
C VAL A 107 -1.22 21.77 -10.48
N ALA A 108 -0.83 23.05 -10.58
CA ALA A 108 -1.72 24.20 -10.33
C ALA A 108 -2.91 24.13 -11.28
N PRO A 109 -4.12 24.52 -10.81
CA PRO A 109 -5.33 24.46 -11.63
C PRO A 109 -5.22 25.41 -12.84
N THR A 110 -4.29 26.36 -12.73
CA THR A 110 -3.94 27.37 -13.76
C THR A 110 -3.06 26.78 -14.88
N HIS A 111 -2.46 25.59 -14.69
CA HIS A 111 -1.47 25.01 -15.63
C HIS A 111 -1.81 23.57 -16.02
N ARG A 112 -3.11 23.20 -15.99
CA ARG A 112 -3.58 21.89 -16.50
C ARG A 112 -3.22 21.75 -17.98
N ARG A 113 -3.16 20.51 -18.48
CA ARG A 113 -3.10 20.18 -19.94
C ARG A 113 -1.87 20.84 -20.60
N ARG A 114 -0.77 21.01 -19.87
CA ARG A 114 0.50 21.58 -20.40
C ARG A 114 1.64 20.55 -20.23
N GLY A 115 1.31 19.28 -19.94
CA GLY A 115 2.28 18.17 -19.83
C GLY A 115 3.21 18.29 -18.64
N LEU A 116 2.82 18.99 -17.57
CA LEU A 116 3.70 19.19 -16.38
C LEU A 116 3.83 17.88 -15.59
N LEU A 117 2.76 17.09 -15.47
CA LEU A 117 2.80 15.80 -14.74
C LEU A 117 3.74 14.83 -15.48
N ARG A 118 3.61 14.75 -16.81
CA ARG A 118 4.46 13.87 -17.66
C ARG A 118 5.95 14.26 -17.46
N ALA A 119 6.26 15.55 -17.47
CA ALA A 119 7.66 16.07 -17.33
C ALA A 119 8.20 15.77 -15.93
N MET A 120 7.40 15.97 -14.87
CA MET A 120 7.84 15.74 -13.47
C MET A 120 8.05 14.25 -13.21
N CYS A 121 7.14 13.40 -13.69
CA CYS A 121 7.19 11.92 -13.49
C CYS A 121 8.41 11.37 -14.23
N ALA A 122 8.69 11.86 -15.44
CA ALA A 122 9.84 11.43 -16.26
C ALA A 122 11.15 11.77 -15.52
N GLU A 123 11.23 12.98 -14.97
CA GLU A 123 12.46 13.45 -14.29
C GLU A 123 12.66 12.61 -13.02
N LEU A 124 11.61 12.41 -12.23
CA LEU A 124 11.73 11.64 -10.95
C LEU A 124 12.08 10.18 -11.26
N HIS A 125 11.44 9.56 -12.26
CA HIS A 125 11.72 8.15 -12.66
C HIS A 125 13.18 7.98 -13.07
N ARG A 126 13.73 8.93 -13.80
CA ARG A 126 15.15 8.97 -14.22
C ARG A 126 16.02 8.94 -12.95
N ARG A 127 15.73 9.84 -12.01
CA ARG A 127 16.47 9.94 -10.73
C ARG A 127 16.33 8.65 -9.92
N ILE A 128 15.12 8.08 -9.85
CA ILE A 128 14.81 6.88 -9.03
C ILE A 128 15.60 5.69 -9.60
N ALA A 129 15.55 5.51 -10.92
CA ALA A 129 16.31 4.48 -11.67
C ALA A 129 17.82 4.66 -11.41
N ASP A 130 18.36 5.86 -11.64
CA ASP A 130 19.81 6.15 -11.50
C ASP A 130 20.26 5.87 -10.05
N SER A 131 19.39 6.19 -9.09
CA SER A 131 19.65 6.00 -7.63
C SER A 131 19.65 4.51 -7.25
N GLY A 132 19.09 3.62 -8.07
CA GLY A 132 19.17 2.15 -7.81
C GLY A 132 17.93 1.55 -7.13
N TYR A 133 16.78 2.24 -7.12
CA TYR A 133 15.50 1.67 -6.59
C TYR A 133 14.98 0.65 -7.61
N PRO A 134 14.71 -0.61 -7.21
CA PRO A 134 14.10 -1.57 -8.12
C PRO A 134 12.62 -1.31 -8.41
N VAL A 135 11.93 -0.64 -7.48
CA VAL A 135 10.46 -0.36 -7.60
C VAL A 135 10.17 1.03 -7.06
N ALA A 136 9.13 1.63 -7.62
CA ALA A 136 8.48 2.85 -7.11
C ALA A 136 7.03 2.52 -6.76
N ALA A 137 6.44 3.30 -5.87
CA ALA A 137 5.06 3.09 -5.38
C ALA A 137 4.36 4.42 -5.11
N LEU A 138 3.03 4.36 -5.17
CA LEU A 138 2.15 5.50 -4.77
C LEU A 138 0.74 5.02 -4.43
N HIS A 139 0.02 5.91 -3.74
CA HIS A 139 -1.46 5.90 -3.59
C HIS A 139 -2.04 6.92 -4.58
N ALA A 140 -3.07 6.50 -5.32
CA ALA A 140 -3.61 7.23 -6.50
C ALA A 140 -4.82 8.07 -6.06
N SER A 141 -4.79 9.38 -6.33
CA SER A 141 -5.93 10.29 -6.06
C SER A 141 -7.10 9.90 -6.99
N GLU A 142 -6.81 9.48 -8.22
CA GLU A 142 -7.80 8.93 -9.19
C GLU A 142 -7.24 7.66 -9.85
N GLY A 143 -8.11 6.80 -10.36
CA GLY A 143 -7.73 5.48 -10.92
C GLY A 143 -7.18 5.53 -12.33
N GLY A 144 -7.28 6.67 -13.03
CA GLY A 144 -7.03 6.76 -14.50
C GLY A 144 -5.72 7.43 -14.89
N ILE A 145 -4.94 7.93 -13.92
CA ILE A 145 -3.74 8.78 -14.16
C ILE A 145 -2.51 7.90 -14.40
N TYR A 146 -2.24 6.94 -13.52
CA TYR A 146 -0.86 6.41 -13.25
C TYR A 146 -0.53 5.17 -14.11
N GLY A 147 -1.53 4.49 -14.67
CA GLY A 147 -1.32 3.37 -15.62
C GLY A 147 -0.36 3.73 -16.75
N ARG A 148 -0.48 4.92 -17.33
CA ARG A 148 0.29 5.32 -18.53
C ARG A 148 1.76 5.57 -18.16
N PHE A 149 2.05 5.79 -16.86
CA PHE A 149 3.43 6.02 -16.34
C PHE A 149 4.02 4.71 -15.79
N GLY A 150 3.33 3.58 -16.02
CA GLY A 150 3.81 2.23 -15.71
C GLY A 150 3.41 1.72 -14.32
N TYR A 151 2.51 2.41 -13.59
CA TYR A 151 2.03 1.95 -12.26
C TYR A 151 0.78 1.09 -12.41
N GLY A 152 0.80 -0.05 -11.73
CA GLY A 152 -0.32 -1.00 -11.66
C GLY A 152 -0.79 -1.11 -10.22
N PRO A 153 -2.11 -1.11 -9.97
CA PRO A 153 -2.64 -1.31 -8.62
C PRO A 153 -2.25 -2.72 -8.12
N ALA A 154 -1.65 -2.79 -6.94
CA ALA A 154 -0.94 -4.00 -6.45
C ALA A 154 -1.53 -4.51 -5.14
N THR A 155 -2.32 -3.69 -4.44
CA THR A 155 -3.09 -4.09 -3.23
C THR A 155 -4.53 -3.62 -3.36
N THR A 156 -5.41 -4.24 -2.58
CA THR A 156 -6.87 -3.99 -2.61
C THR A 156 -7.31 -3.67 -1.18
N LEU A 157 -7.87 -2.48 -1.01
CA LEU A 157 -8.56 -2.04 0.22
C LEU A 157 -9.98 -2.57 0.17
N HIS A 158 -10.46 -2.99 1.33
CA HIS A 158 -11.74 -3.71 1.51
C HIS A 158 -12.31 -3.21 2.84
N GLU A 159 -13.31 -2.33 2.79
CA GLU A 159 -14.04 -1.92 4.01
C GLU A 159 -15.02 -3.02 4.38
N LEU A 160 -14.92 -3.50 5.62
CA LEU A 160 -15.95 -4.32 6.29
C LEU A 160 -16.66 -3.42 7.31
N THR A 161 -17.99 -3.47 7.29
CA THR A 161 -18.87 -2.91 8.34
C THR A 161 -19.58 -4.08 9.02
N VAL A 162 -19.38 -4.27 10.34
CA VAL A 162 -20.02 -5.32 11.18
C VAL A 162 -21.22 -4.70 11.91
N ASP A 163 -22.45 -5.21 11.72
CA ASP A 163 -23.56 -4.91 12.66
C ASP A 163 -23.31 -5.78 13.90
N ARG A 164 -22.64 -5.21 14.88
CA ARG A 164 -22.08 -5.94 16.04
C ARG A 164 -23.21 -6.36 16.99
N ARG A 165 -24.41 -5.80 16.85
CA ARG A 165 -25.56 -6.19 17.70
C ARG A 165 -25.91 -7.65 17.47
N PHE A 166 -25.70 -8.18 16.26
CA PHE A 166 -26.05 -9.58 15.89
C PHE A 166 -24.84 -10.52 15.96
N ALA A 167 -23.63 -9.99 16.07
CA ALA A 167 -22.38 -10.77 15.94
C ALA A 167 -22.23 -11.72 17.13
N ARG A 168 -22.23 -13.03 16.84
CA ARG A 168 -21.86 -14.11 17.78
C ARG A 168 -20.65 -14.83 17.18
N PHE A 169 -19.63 -15.10 17.99
CA PHE A 169 -18.47 -15.90 17.55
C PHE A 169 -18.86 -17.39 17.45
N HIS A 170 -18.33 -18.01 16.40
CA HIS A 170 -18.35 -19.46 16.12
C HIS A 170 -17.71 -20.23 17.27
N ALA A 171 -18.25 -21.41 17.61
CA ALA A 171 -17.68 -22.37 18.58
C ALA A 171 -16.18 -22.55 18.32
N ASP A 172 -15.75 -22.56 17.05
CA ASP A 172 -14.36 -22.86 16.62
C ASP A 172 -13.40 -21.68 16.83
N ALA A 173 -13.92 -20.46 16.94
CA ALA A 173 -13.12 -19.22 17.06
C ALA A 173 -12.25 -19.29 18.32
N PRO A 174 -10.95 -18.88 18.25
CA PRO A 174 -10.09 -18.88 19.44
C PRO A 174 -10.53 -17.89 20.52
N GLY A 175 -10.31 -18.25 21.79
CA GLY A 175 -10.55 -17.36 22.96
C GLY A 175 -11.96 -17.52 23.51
N SER A 181 -9.09 -12.30 30.20
CA SER A 181 -8.92 -11.52 28.94
C SER A 181 -7.44 -11.17 28.73
N SER A 182 -6.96 -11.42 27.50
CA SER A 182 -5.60 -11.10 27.02
C SER A 182 -5.51 -9.66 26.50
N VAL A 183 -6.64 -8.97 26.27
CA VAL A 183 -6.68 -7.63 25.59
C VAL A 183 -6.96 -6.56 26.64
N ARG A 184 -6.26 -5.42 26.55
CA ARG A 184 -6.44 -4.29 27.51
C ARG A 184 -6.88 -3.05 26.72
N LEU A 185 -7.89 -2.34 27.21
CA LEU A 185 -8.25 -1.01 26.66
C LEU A 185 -7.25 0.01 27.22
N VAL A 186 -6.51 0.70 26.36
CA VAL A 186 -5.39 1.56 26.84
C VAL A 186 -5.43 2.89 26.08
N ARG A 187 -4.72 3.89 26.61
CA ARG A 187 -4.51 5.18 25.91
C ARG A 187 -3.35 5.02 24.94
N PRO A 188 -3.54 5.31 23.64
CA PRO A 188 -2.49 5.11 22.64
C PRO A 188 -1.14 5.76 22.98
N THR A 189 -1.14 6.99 23.50
CA THR A 189 0.11 7.76 23.75
C THR A 189 0.94 7.11 24.86
N GLU A 190 0.37 6.18 25.63
CA GLU A 190 1.07 5.56 26.79
C GLU A 190 1.63 4.19 26.42
N HIS A 191 1.47 3.75 25.17
CA HIS A 191 1.91 2.40 24.73
C HIS A 191 2.50 2.44 23.31
N ARG A 192 3.27 3.48 23.00
CA ARG A 192 3.89 3.67 21.66
C ARG A 192 4.86 2.51 21.37
N GLY A 193 5.73 2.17 22.34
CA GLY A 193 6.76 1.13 22.16
C GLY A 193 6.16 -0.21 21.79
N GLU A 194 5.06 -0.60 22.46
CA GLU A 194 4.40 -1.90 22.22
C GLU A 194 3.79 -1.90 20.81
N PHE A 195 3.18 -0.79 20.39
CA PHE A 195 2.59 -0.65 19.04
C PHE A 195 3.70 -0.76 18.00
N GLU A 196 4.82 -0.06 18.23
CA GLU A 196 5.96 -0.02 17.28
C GLU A 196 6.55 -1.42 17.12
N ALA A 197 6.71 -2.16 18.22
CA ALA A 197 7.25 -3.53 18.21
C ALA A 197 6.32 -4.46 17.43
N ILE A 198 5.01 -4.37 17.67
CA ILE A 198 4.00 -5.23 16.99
C ILE A 198 4.02 -4.88 15.50
N TYR A 199 3.96 -3.60 15.15
CA TYR A 199 3.89 -3.16 13.73
C TYR A 199 5.14 -3.64 13.00
N GLU A 200 6.30 -3.52 13.63
CA GLU A 200 7.61 -3.94 13.04
C GLU A 200 7.56 -5.42 12.69
N ARG A 201 7.13 -6.28 13.61
CA ARG A 201 7.00 -7.74 13.31
C ARG A 201 6.00 -7.94 12.16
N TRP A 202 4.82 -7.32 12.26
CA TRP A 202 3.75 -7.44 11.24
C TRP A 202 4.33 -7.14 9.86
N ARG A 203 5.04 -6.02 9.72
CA ARG A 203 5.51 -5.53 8.39
C ARG A 203 6.65 -6.41 7.84
N GLN A 204 7.55 -6.91 8.70
CA GLN A 204 8.65 -7.78 8.21
C GLN A 204 8.06 -9.04 7.60
N GLN A 205 6.75 -9.29 7.79
CA GLN A 205 6.10 -10.56 7.36
C GLN A 205 4.97 -10.38 6.36
N VAL A 206 4.42 -9.18 6.14
CA VAL A 206 3.18 -9.09 5.30
C VAL A 206 3.49 -8.41 3.96
N PRO A 207 3.36 -9.09 2.79
CA PRO A 207 3.53 -8.38 1.53
C PRO A 207 2.69 -7.09 1.56
N GLY A 208 3.29 -5.96 1.17
CA GLY A 208 2.69 -4.63 1.31
C GLY A 208 3.16 -3.91 2.57
N GLY A 209 3.79 -4.62 3.50
CA GLY A 209 4.29 -4.01 4.75
C GLY A 209 5.30 -2.93 4.43
N LEU A 210 5.19 -1.76 5.07
CA LEU A 210 6.20 -0.68 4.98
C LEU A 210 6.80 -0.47 6.36
N LEU A 211 8.12 -0.29 6.43
CA LEU A 211 8.80 0.26 7.62
C LEU A 211 8.11 1.58 7.95
N ARG A 212 7.66 1.76 9.18
CA ARG A 212 7.11 3.05 9.64
C ARG A 212 8.16 3.75 10.49
N PRO A 213 8.82 4.83 10.00
CA PRO A 213 9.83 5.53 10.81
C PRO A 213 9.24 6.37 11.94
N GLN A 214 10.11 6.83 12.86
CA GLN A 214 9.73 7.56 14.10
C GLN A 214 8.82 8.75 13.79
N VAL A 215 9.13 9.55 12.77
CA VAL A 215 8.33 10.77 12.46
C VAL A 215 6.88 10.39 12.16
N LEU A 216 6.63 9.20 11.57
CA LEU A 216 5.27 8.78 11.17
C LEU A 216 4.50 8.26 12.40
N TRP A 217 5.22 7.68 13.37
CA TRP A 217 4.66 7.36 14.71
C TRP A 217 4.31 8.65 15.46
N ASP A 218 5.18 9.67 15.40
CA ASP A 218 4.88 11.01 15.97
C ASP A 218 3.55 11.49 15.37
N GLU A 219 3.42 11.44 14.05
CA GLU A 219 2.21 11.98 13.35
C GLU A 219 1.00 11.11 13.73
N LEU A 220 1.16 9.79 13.80
CA LEU A 220 0.04 8.85 14.11
C LEU A 220 -0.56 9.18 15.48
N LEU A 221 0.27 9.39 16.50
CA LEU A 221 -0.21 9.52 17.91
C LEU A 221 -0.71 10.95 18.18
N ALA A 222 -0.41 11.89 17.29
CA ALA A 222 -0.95 13.26 17.29
C ALA A 222 -2.36 13.27 16.72
N GLU A 223 -2.64 12.45 15.69
CA GLU A 223 -4.00 12.24 15.12
C GLU A 223 -4.88 11.44 16.09
N ALA A 224 -4.30 10.85 17.14
CA ALA A 224 -5.01 10.04 18.15
C ALA A 224 -5.74 10.96 19.14
N LYS A 225 -5.31 12.22 19.23
CA LYS A 225 -5.89 13.22 20.16
C LYS A 225 -7.18 13.77 19.54
N ALA A 226 -8.19 14.06 20.37
CA ALA A 226 -9.46 14.67 19.91
C ALA A 226 -9.17 16.08 19.41
N ALA A 227 -9.88 16.51 18.36
CA ALA A 227 -9.69 17.85 17.75
C ALA A 227 -10.96 18.67 17.95
N PRO A 228 -10.84 19.98 18.35
CA PRO A 228 -12.01 20.84 18.46
C PRO A 228 -12.72 20.99 17.11
N GLY A 229 -14.00 20.60 17.05
CA GLY A 229 -14.78 20.61 15.80
C GLY A 229 -14.23 19.61 14.79
N GLY A 230 -13.46 18.62 15.24
CA GLY A 230 -12.79 17.64 14.37
C GLY A 230 -13.04 16.21 14.84
N ASP A 231 -12.02 15.37 14.78
CA ASP A 231 -12.15 13.93 15.12
C ASP A 231 -12.22 13.76 16.64
N ARG A 232 -12.85 12.67 17.09
CA ARG A 232 -13.00 12.35 18.53
C ARG A 232 -11.73 11.65 18.99
N GLU A 233 -11.60 11.44 20.30
CA GLU A 233 -10.41 10.80 20.92
C GLU A 233 -10.31 9.35 20.42
N SER A 234 -9.08 8.87 20.23
CA SER A 234 -8.78 7.47 19.84
C SER A 234 -8.47 6.64 21.08
N PHE A 235 -8.97 5.42 21.10
CA PHE A 235 -8.63 4.39 22.10
C PHE A 235 -7.85 3.30 21.38
N ALA A 236 -7.13 2.49 22.16
CA ALA A 236 -6.41 1.31 21.66
C ALA A 236 -6.86 0.09 22.44
N LEU A 237 -6.85 -1.04 21.74
CA LEU A 237 -6.97 -2.40 22.31
C LEU A 237 -5.62 -3.07 22.07
N LEU A 238 -4.97 -3.47 23.15
CA LEU A 238 -3.57 -3.94 23.14
C LEU A 238 -3.53 -5.39 23.63
N HIS A 239 -2.99 -6.26 22.78
CA HIS A 239 -2.69 -7.68 23.02
C HIS A 239 -1.17 -7.83 22.90
N PRO A 240 -0.55 -8.84 23.55
CA PRO A 240 0.88 -9.06 23.37
C PRO A 240 1.32 -9.12 21.89
N ASP A 241 0.44 -9.59 20.99
CA ASP A 241 0.77 -9.87 19.56
C ASP A 241 -0.18 -9.13 18.61
N GLY A 242 -0.77 -8.00 19.03
CA GLY A 242 -1.70 -7.22 18.20
C GLY A 242 -2.19 -5.96 18.88
N TYR A 243 -2.64 -4.99 18.09
CA TYR A 243 -3.35 -3.78 18.59
C TYR A 243 -4.38 -3.36 17.55
N ALA A 244 -5.38 -2.62 18.01
CA ALA A 244 -6.37 -1.89 17.21
C ALA A 244 -6.44 -0.46 17.74
N LEU A 245 -6.36 0.54 16.88
CA LEU A 245 -6.77 1.93 17.21
C LEU A 245 -8.15 2.17 16.59
N TYR A 246 -9.06 2.73 17.37
CA TYR A 246 -10.44 3.02 16.91
C TYR A 246 -10.86 4.33 17.53
N ARG A 247 -11.88 4.94 16.94
CA ARG A 247 -12.52 6.17 17.45
C ARG A 247 -13.97 6.16 16.99
N VAL A 248 -14.87 6.74 17.78
CA VAL A 248 -16.29 6.88 17.35
C VAL A 248 -16.31 7.91 16.22
N ASP A 249 -17.18 7.71 15.23
CA ASP A 249 -17.32 8.66 14.09
C ASP A 249 -17.81 10.00 14.64
N ARG A 250 -17.36 11.10 14.04
CA ARG A 250 -17.70 12.48 14.52
C ARG A 250 -19.20 12.73 14.35
N THR A 251 -19.82 12.19 13.30
CA THR A 251 -21.25 12.45 12.97
C THR A 251 -22.12 11.27 13.42
N ASP A 252 -21.82 10.06 12.94
CA ASP A 252 -22.55 8.83 13.35
C ASP A 252 -21.98 8.35 14.70
N LEU A 253 -22.73 8.56 15.79
CA LEU A 253 -22.23 8.24 17.15
C LEU A 253 -22.48 6.77 17.50
N LYS A 254 -23.10 6.00 16.61
CA LYS A 254 -23.27 4.53 16.78
C LYS A 254 -22.28 3.77 15.89
N LEU A 255 -21.36 4.48 15.22
CA LEU A 255 -20.31 3.86 14.35
C LEU A 255 -18.93 4.03 14.99
N ALA A 256 -18.22 2.92 15.20
CA ALA A 256 -16.78 2.95 15.59
C ALA A 256 -15.94 2.69 14.34
N ARG A 257 -14.95 3.55 14.10
CA ARG A 257 -14.02 3.39 12.96
C ARG A 257 -12.68 2.87 13.47
N VAL A 258 -12.31 1.66 13.09
CA VAL A 258 -10.97 1.08 13.37
C VAL A 258 -9.99 1.68 12.35
N SER A 259 -9.10 2.57 12.80
CA SER A 259 -8.12 3.27 11.91
C SER A 259 -7.01 2.29 11.51
N GLU A 260 -6.72 1.29 12.35
CA GLU A 260 -5.56 0.38 12.20
C GLU A 260 -5.73 -0.83 13.10
N LEU A 261 -5.66 -2.02 12.53
CA LEU A 261 -5.55 -3.27 13.30
C LEU A 261 -4.39 -4.09 12.73
N ARG A 262 -3.38 -4.32 13.56
CA ARG A 262 -2.17 -5.12 13.25
C ARG A 262 -2.12 -6.30 14.23
N ALA A 263 -2.24 -7.51 13.70
CA ALA A 263 -2.19 -8.76 14.47
C ALA A 263 -1.16 -9.67 13.81
N VAL A 264 -0.24 -10.18 14.62
CA VAL A 264 0.89 -11.03 14.18
C VAL A 264 0.46 -12.50 14.28
N THR A 265 -0.48 -12.85 15.16
CA THR A 265 -1.03 -14.23 15.33
C THR A 265 -2.55 -14.22 15.11
N ALA A 266 -3.13 -15.37 14.81
CA ALA A 266 -4.60 -15.53 14.63
C ALA A 266 -5.29 -15.28 15.98
N ASP A 267 -4.74 -15.82 17.06
CA ASP A 267 -5.24 -15.58 18.44
C ASP A 267 -5.42 -14.08 18.67
N ALA A 268 -4.40 -13.26 18.37
CA ALA A 268 -4.43 -11.80 18.58
C ALA A 268 -5.56 -11.19 17.76
N HIS A 269 -5.70 -11.60 16.50
CA HIS A 269 -6.69 -11.05 15.55
C HIS A 269 -8.10 -11.36 16.08
N CYS A 270 -8.33 -12.58 16.55
CA CYS A 270 -9.63 -13.00 17.14
C CYS A 270 -9.87 -12.24 18.45
N ALA A 271 -8.88 -12.18 19.34
CA ALA A 271 -9.04 -11.56 20.67
C ALA A 271 -9.43 -10.10 20.49
N LEU A 272 -8.78 -9.42 19.55
CA LEU A 272 -9.03 -7.98 19.27
C LEU A 272 -10.46 -7.80 18.73
N TRP A 273 -10.95 -8.71 17.89
CA TRP A 273 -12.31 -8.62 17.32
C TRP A 273 -13.36 -8.92 18.40
N ARG A 274 -13.07 -9.86 19.31
CA ARG A 274 -13.95 -10.12 20.49
C ARG A 274 -14.12 -8.79 21.26
N ALA A 275 -13.03 -8.07 21.50
CA ALA A 275 -13.06 -6.80 22.27
C ALA A 275 -13.85 -5.74 21.49
N LEU A 276 -13.66 -5.64 20.16
CA LEU A 276 -14.35 -4.64 19.32
C LEU A 276 -15.86 -4.93 19.23
N ILE A 277 -16.26 -6.21 19.13
CA ILE A 277 -17.69 -6.63 19.17
C ILE A 277 -18.25 -6.32 20.58
N GLY A 278 -17.39 -6.22 21.60
CA GLY A 278 -17.79 -5.81 22.96
C GLY A 278 -18.00 -4.30 23.13
N LEU A 279 -17.91 -3.48 22.09
CA LEU A 279 -18.26 -2.04 22.22
C LEU A 279 -19.78 -1.90 22.18
N ASP A 280 -20.45 -2.17 23.31
CA ASP A 280 -21.92 -2.41 23.38
C ASP A 280 -22.71 -1.13 23.09
N SER A 281 -22.12 0.06 23.24
CA SER A 281 -22.78 1.35 22.89
C SER A 281 -22.75 1.59 21.36
N MET A 282 -22.04 0.78 20.56
CA MET A 282 -21.98 0.95 19.09
C MET A 282 -22.94 -0.01 18.40
N GLU A 283 -23.45 0.39 17.23
CA GLU A 283 -24.27 -0.48 16.33
C GLU A 283 -23.35 -1.16 15.31
N ARG A 284 -22.34 -0.42 14.83
CA ARG A 284 -21.50 -0.81 13.67
C ARG A 284 -20.02 -0.53 13.99
N ILE A 285 -19.16 -1.50 13.65
CA ILE A 285 -17.68 -1.36 13.58
C ILE A 285 -17.31 -1.38 12.10
N SER A 286 -16.59 -0.38 11.63
CA SER A 286 -16.05 -0.37 10.25
C SER A 286 -14.53 -0.40 10.31
N ILE A 287 -13.92 -1.13 9.38
CA ILE A 287 -12.45 -1.20 9.22
C ILE A 287 -12.11 -1.26 7.73
N ILE A 288 -11.02 -0.60 7.35
CA ILE A 288 -10.43 -0.80 6.00
C ILE A 288 -9.36 -1.89 6.13
N THR A 289 -9.64 -3.04 5.51
CA THR A 289 -8.82 -4.27 5.65
C THR A 289 -8.48 -4.76 4.24
N HIS A 290 -8.17 -6.05 4.10
CA HIS A 290 -7.80 -6.67 2.81
C HIS A 290 -8.83 -7.76 2.50
N PRO A 291 -8.91 -8.24 1.25
CA PRO A 291 -9.93 -9.22 0.88
C PRO A 291 -9.85 -10.57 1.61
N GLN A 292 -8.68 -10.95 2.11
CA GLN A 292 -8.51 -12.27 2.78
C GLN A 292 -8.69 -12.13 4.30
N ASP A 293 -9.17 -11.00 4.82
CA ASP A 293 -9.37 -10.80 6.29
C ASP A 293 -10.27 -11.92 6.79
N PRO A 294 -9.83 -12.76 7.74
CA PRO A 294 -10.65 -13.88 8.25
C PRO A 294 -11.87 -13.53 9.11
N LEU A 295 -12.09 -12.26 9.43
CA LEU A 295 -13.18 -11.83 10.37
C LEU A 295 -14.50 -12.49 10.02
N PRO A 296 -14.99 -12.50 8.75
CA PRO A 296 -16.30 -13.08 8.46
C PRO A 296 -16.45 -14.51 9.01
N HIS A 297 -15.35 -15.27 9.00
CA HIS A 297 -15.30 -16.72 9.33
C HIS A 297 -15.27 -16.94 10.84
N LEU A 298 -15.01 -15.89 11.62
CA LEU A 298 -14.99 -15.93 13.09
C LEU A 298 -16.42 -15.90 13.62
N LEU A 299 -17.37 -15.46 12.79
CA LEU A 299 -18.78 -15.25 13.17
C LEU A 299 -19.60 -16.45 12.71
N THR A 300 -20.67 -16.75 13.42
CA THR A 300 -21.70 -17.75 13.03
C THR A 300 -22.42 -17.27 11.77
N ASP A 301 -22.53 -15.96 11.56
CA ASP A 301 -23.16 -15.35 10.35
C ASP A 301 -22.10 -14.51 9.61
N THR A 302 -21.48 -15.10 8.57
CA THR A 302 -20.40 -14.46 7.77
C THR A 302 -20.91 -13.18 7.12
N ARG A 303 -22.22 -13.09 6.89
CA ARG A 303 -22.88 -11.98 6.16
C ARG A 303 -22.89 -10.69 7.01
N LEU A 304 -22.74 -10.82 8.33
CA LEU A 304 -22.67 -9.65 9.25
C LEU A 304 -21.45 -8.78 8.96
N ALA A 305 -20.39 -9.36 8.40
CA ALA A 305 -19.21 -8.59 7.94
C ALA A 305 -19.44 -8.18 6.49
N ARG A 306 -20.18 -7.10 6.27
CA ARG A 306 -20.55 -6.59 4.92
C ARG A 306 -19.35 -5.86 4.33
N THR A 307 -19.07 -6.14 3.06
CA THR A 307 -18.13 -5.34 2.24
C THR A 307 -18.90 -4.14 1.71
N THR A 308 -18.65 -2.98 2.31
CA THR A 308 -19.30 -1.68 2.01
C THR A 308 -18.50 -0.86 0.99
N TRP A 309 -17.26 -1.26 0.66
CA TRP A 309 -16.34 -0.42 -0.17
C TRP A 309 -15.11 -1.21 -0.59
N ARG A 310 -14.67 -1.01 -1.82
CA ARG A 310 -13.44 -1.64 -2.37
C ARG A 310 -12.75 -0.69 -3.33
N GLN A 311 -11.43 -0.65 -3.24
CA GLN A 311 -10.60 0.28 -4.02
C GLN A 311 -9.16 -0.25 -4.07
N ASP A 312 -8.48 0.09 -5.15
CA ASP A 312 -7.01 -0.05 -5.31
C ASP A 312 -6.34 0.60 -4.10
N GLY A 313 -5.32 -0.04 -3.52
CA GLY A 313 -4.48 0.52 -2.44
C GLY A 313 -3.15 1.03 -2.99
N LEU A 314 -2.08 0.29 -2.76
CA LEU A 314 -0.72 0.66 -3.24
C LEU A 314 -0.62 0.36 -4.74
N TRP A 315 -0.01 1.28 -5.50
CA TRP A 315 0.37 1.08 -6.92
C TRP A 315 1.88 0.87 -7.00
N LEU A 316 2.33 -0.01 -7.88
CA LEU A 316 3.79 -0.30 -8.10
C LEU A 316 4.16 0.00 -9.54
N ARG A 317 5.33 0.63 -9.71
CA ARG A 317 6.08 0.68 -10.99
C ARG A 317 7.37 -0.11 -10.76
N ILE A 318 7.49 -1.26 -11.42
CA ILE A 318 8.77 -2.04 -11.49
C ILE A 318 9.76 -1.19 -12.28
N MET A 319 10.78 -0.66 -11.61
CA MET A 319 11.79 0.22 -12.25
C MET A 319 12.81 -0.63 -13.01
N ASN A 320 13.11 -1.81 -12.46
CA ASN A 320 14.11 -2.78 -12.97
C ASN A 320 13.50 -4.17 -12.90
N VAL A 321 13.12 -4.71 -14.06
CA VAL A 321 12.30 -5.94 -14.17
C VAL A 321 13.11 -7.11 -13.61
N PRO A 322 14.36 -7.36 -14.09
CA PRO A 322 15.14 -8.50 -13.60
C PRO A 322 15.39 -8.44 -12.08
N ALA A 323 15.78 -7.27 -11.56
CA ALA A 323 16.06 -7.10 -10.12
C ALA A 323 14.80 -7.39 -9.30
N ALA A 324 13.66 -6.82 -9.69
CA ALA A 324 12.37 -7.03 -8.99
C ALA A 324 11.99 -8.51 -9.04
N LEU A 325 11.98 -9.13 -10.22
CA LEU A 325 11.52 -10.54 -10.39
C LEU A 325 12.46 -11.48 -9.62
N GLU A 326 13.77 -11.21 -9.60
CA GLU A 326 14.71 -12.11 -8.89
C GLU A 326 14.60 -11.90 -7.37
N ALA A 327 14.19 -10.73 -6.91
CA ALA A 327 14.19 -10.37 -5.47
C ALA A 327 13.09 -11.13 -4.71
N ARG A 328 11.91 -11.35 -5.29
CA ARG A 328 10.78 -11.92 -4.52
C ARG A 328 10.85 -13.46 -4.56
N GLY A 329 10.26 -14.10 -3.55
CA GLY A 329 10.04 -15.55 -3.52
C GLY A 329 8.81 -15.92 -4.33
N TYR A 330 8.75 -17.17 -4.77
CA TYR A 330 7.62 -17.70 -5.59
C TYR A 330 7.12 -18.95 -4.88
N ALA A 331 5.94 -19.45 -5.28
CA ALA A 331 5.33 -20.63 -4.64
C ALA A 331 6.17 -21.87 -4.93
N HIS A 332 6.53 -22.60 -3.87
CA HIS A 332 7.29 -23.88 -3.93
C HIS A 332 6.44 -24.95 -4.64
N GLU A 333 5.11 -24.83 -4.57
CA GLU A 333 4.16 -25.84 -5.10
C GLU A 333 4.29 -25.96 -6.62
N VAL A 334 4.41 -24.84 -7.35
CA VAL A 334 4.61 -24.89 -8.83
C VAL A 334 5.97 -25.55 -9.09
N GLY A 335 6.03 -26.44 -10.08
CA GLY A 335 7.30 -27.08 -10.47
C GLY A 335 8.14 -26.14 -11.33
N GLU A 336 9.43 -26.41 -11.46
CA GLU A 336 10.34 -25.60 -12.30
C GLU A 336 9.75 -25.48 -13.71
N PHE A 337 9.68 -24.25 -14.23
CA PHE A 337 9.33 -23.92 -15.63
C PHE A 337 10.14 -22.69 -16.06
N SER A 338 10.26 -22.52 -17.37
CA SER A 338 11.02 -21.46 -18.08
C SER A 338 10.10 -20.84 -19.12
N THR A 339 10.23 -19.56 -19.36
CA THR A 339 9.46 -18.87 -20.41
C THR A 339 10.24 -17.63 -20.82
N VAL A 340 9.71 -16.87 -21.77
CA VAL A 340 10.29 -15.58 -22.20
C VAL A 340 9.21 -14.52 -21.99
N LEU A 341 9.49 -13.57 -21.10
CA LEU A 341 8.63 -12.42 -20.77
C LEU A 341 9.15 -11.19 -21.50
N GLU A 342 8.26 -10.54 -22.27
CA GLU A 342 8.49 -9.17 -22.80
C GLU A 342 7.61 -8.19 -22.03
N VAL A 343 8.22 -7.18 -21.44
CA VAL A 343 7.56 -5.93 -20.96
C VAL A 343 7.65 -4.91 -22.09
N SER A 344 6.52 -4.35 -22.53
CA SER A 344 6.44 -3.27 -23.55
C SER A 344 7.41 -2.14 -23.21
N ASP A 345 8.39 -1.87 -24.07
CA ASP A 345 9.41 -0.79 -23.87
C ASP A 345 10.04 -0.93 -22.48
N GLY A 346 10.38 -2.16 -22.06
CA GLY A 346 10.95 -2.45 -20.74
C GLY A 346 11.86 -3.68 -20.71
N GLY A 347 12.08 -4.31 -21.86
CA GLY A 347 13.01 -5.45 -22.01
C GLY A 347 12.31 -6.75 -22.37
N ARG A 348 13.11 -7.72 -22.81
CA ARG A 348 12.68 -9.13 -22.97
C ARG A 348 13.63 -10.03 -22.19
N PHE A 349 13.08 -10.99 -21.44
CA PHE A 349 13.82 -11.78 -20.44
C PHE A 349 13.47 -13.26 -20.54
N ALA A 350 14.50 -14.10 -20.44
CA ALA A 350 14.41 -15.53 -20.12
C ALA A 350 14.13 -15.63 -18.61
N LEU A 351 12.94 -16.13 -18.28
CA LEU A 351 12.46 -16.20 -16.88
C LEU A 351 12.37 -17.68 -16.52
N LYS A 352 13.18 -18.09 -15.55
CA LYS A 352 13.18 -19.48 -15.01
C LYS A 352 12.78 -19.40 -13.53
N ILE A 353 11.73 -20.14 -13.15
CA ILE A 353 11.21 -20.15 -11.75
C ILE A 353 11.23 -21.59 -11.25
N GLY A 354 11.89 -21.84 -10.11
CA GLY A 354 11.88 -23.16 -9.45
C GLY A 354 12.40 -23.04 -8.03
N ASP A 355 11.94 -23.91 -7.12
CA ASP A 355 12.36 -23.90 -5.70
C ASP A 355 12.03 -22.54 -5.08
N GLY A 356 10.92 -21.94 -5.51
CA GLY A 356 10.45 -20.62 -5.03
C GLY A 356 11.38 -19.47 -5.36
N ARG A 357 12.34 -19.65 -6.28
CA ARG A 357 13.28 -18.58 -6.72
C ARG A 357 13.13 -18.37 -8.23
N ALA A 358 13.46 -17.18 -8.72
CA ALA A 358 13.47 -16.87 -10.17
C ALA A 358 14.85 -16.40 -10.59
N ARG A 359 15.26 -16.79 -11.80
CA ARG A 359 16.38 -16.19 -12.57
C ARG A 359 15.79 -15.51 -13.81
N CYS A 360 16.13 -14.24 -14.01
CA CYS A 360 15.59 -13.39 -15.10
C CYS A 360 16.75 -12.84 -15.91
N THR A 361 17.01 -13.39 -17.11
CA THR A 361 18.21 -13.03 -17.92
C THR A 361 17.80 -12.42 -19.25
N PRO A 362 18.61 -11.49 -19.80
CA PRO A 362 18.32 -10.88 -21.10
C PRO A 362 18.28 -11.95 -22.19
N THR A 363 17.40 -11.78 -23.18
CA THR A 363 17.28 -12.74 -24.32
C THR A 363 16.68 -12.02 -25.52
N ASP A 364 16.98 -12.49 -26.73
CA ASP A 364 16.34 -11.98 -27.98
C ASP A 364 15.41 -13.08 -28.52
N ALA A 365 15.24 -14.17 -27.77
CA ALA A 365 14.37 -15.30 -28.16
C ALA A 365 12.91 -14.80 -28.23
N ALA A 366 12.06 -15.50 -28.98
CA ALA A 366 10.64 -15.13 -29.17
C ALA A 366 9.96 -15.05 -27.80
N ALA A 367 9.19 -13.99 -27.54
CA ALA A 367 8.46 -13.80 -26.27
C ALA A 367 7.28 -14.77 -26.23
N GLU A 368 7.08 -15.44 -25.10
CA GLU A 368 5.91 -16.33 -24.86
C GLU A 368 4.85 -15.57 -24.07
N ILE A 369 5.26 -14.56 -23.30
CA ILE A 369 4.34 -13.69 -22.50
C ILE A 369 4.67 -12.24 -22.80
N GLU A 370 3.66 -11.41 -23.06
CA GLU A 370 3.83 -9.96 -23.31
C GLU A 370 2.86 -9.18 -22.42
N MET A 371 3.31 -8.08 -21.83
CA MET A 371 2.47 -7.22 -20.99
C MET A 371 3.13 -5.84 -20.83
N ASP A 372 2.35 -4.83 -20.47
CA ASP A 372 2.89 -3.48 -20.16
C ASP A 372 3.49 -3.50 -18.74
N ARG A 373 4.34 -2.54 -18.43
CA ARG A 373 5.04 -2.48 -17.11
C ARG A 373 3.99 -2.46 -15.98
N ASP A 374 2.92 -1.69 -16.11
CA ASP A 374 1.87 -1.53 -15.06
C ASP A 374 1.31 -2.91 -14.69
N VAL A 375 1.02 -3.74 -15.69
CA VAL A 375 0.46 -5.10 -15.49
C VAL A 375 1.42 -5.89 -14.59
N LEU A 376 2.72 -5.80 -14.86
CA LEU A 376 3.72 -6.51 -14.03
C LEU A 376 3.60 -6.05 -12.56
N GLY A 377 3.51 -4.73 -12.32
CA GLY A 377 3.34 -4.17 -10.96
C GLY A 377 2.12 -4.76 -10.25
N SER A 378 1.02 -4.92 -10.97
CA SER A 378 -0.25 -5.52 -10.50
C SER A 378 -0.12 -7.02 -10.15
N LEU A 379 0.81 -7.74 -10.80
CA LEU A 379 1.01 -9.19 -10.51
C LEU A 379 1.96 -9.36 -9.33
N TYR A 380 2.80 -8.35 -9.08
CA TYR A 380 4.09 -8.51 -8.37
C TYR A 380 3.87 -8.95 -6.91
N LEU A 381 2.87 -8.44 -6.21
CA LEU A 381 2.62 -8.78 -4.78
C LEU A 381 1.58 -9.91 -4.66
N GLY A 382 1.02 -10.37 -5.79
CA GLY A 382 0.06 -11.50 -5.84
C GLY A 382 -1.40 -11.12 -5.59
N ALA A 383 -1.79 -9.84 -5.71
CA ALA A 383 -3.17 -9.35 -5.49
C ALA A 383 -4.06 -9.59 -6.72
N HIS A 384 -3.47 -9.69 -7.91
CA HIS A 384 -4.19 -9.91 -9.18
C HIS A 384 -3.62 -11.18 -9.84
N ARG A 385 -4.52 -12.03 -10.32
CA ARG A 385 -4.17 -13.30 -11.02
C ARG A 385 -3.83 -12.98 -12.47
N ALA A 386 -2.74 -13.54 -12.98
CA ALA A 386 -2.34 -13.44 -14.41
C ALA A 386 -3.50 -13.88 -15.31
N SER A 387 -4.27 -14.91 -14.95
CA SER A 387 -5.37 -15.41 -15.82
C SER A 387 -6.47 -14.34 -15.92
N THR A 388 -6.66 -13.51 -14.89
CA THR A 388 -7.68 -12.42 -14.90
C THR A 388 -7.22 -11.30 -15.82
N LEU A 389 -5.95 -10.91 -15.76
CA LEU A 389 -5.38 -9.87 -16.65
C LEU A 389 -5.34 -10.41 -18.09
N ALA A 390 -5.06 -11.71 -18.27
CA ALA A 390 -5.11 -12.36 -19.60
C ALA A 390 -6.51 -12.24 -20.19
N ALA A 391 -7.55 -12.51 -19.41
CA ALA A 391 -8.97 -12.43 -19.85
C ALA A 391 -9.31 -11.01 -20.35
N ALA A 392 -8.65 -9.98 -19.82
CA ALA A 392 -8.84 -8.57 -20.26
C ALA A 392 -7.87 -8.23 -21.40
N ASN A 393 -6.99 -9.17 -21.72
CA ASN A 393 -5.96 -9.02 -22.77
C ASN A 393 -4.92 -7.96 -22.37
N ARG A 394 -4.72 -7.72 -21.07
CA ARG A 394 -3.61 -6.85 -20.58
C ARG A 394 -2.31 -7.65 -20.60
N LEU A 395 -2.42 -8.95 -20.85
CA LEU A 395 -1.34 -9.95 -20.71
C LEU A 395 -1.57 -11.03 -21.78
N ARG A 396 -0.66 -11.17 -22.74
CA ARG A 396 -0.92 -12.03 -23.93
C ARG A 396 0.04 -13.22 -23.91
N THR A 397 -0.52 -14.42 -24.06
CA THR A 397 0.23 -15.69 -24.20
C THR A 397 -0.62 -16.64 -25.05
N LYS A 398 -0.01 -17.61 -25.72
CA LYS A 398 -0.75 -18.63 -26.51
C LYS A 398 -0.69 -19.96 -25.76
N ASP A 399 -0.17 -19.96 -24.53
CA ASP A 399 -0.05 -21.18 -23.70
C ASP A 399 -0.92 -21.01 -22.44
N SER A 400 -2.01 -21.78 -22.34
CA SER A 400 -2.90 -21.77 -21.16
C SER A 400 -2.18 -22.40 -19.97
N GLN A 401 -1.31 -23.40 -20.23
CA GLN A 401 -0.51 -24.06 -19.17
C GLN A 401 0.46 -23.04 -18.57
N LEU A 402 1.04 -22.19 -19.40
CA LEU A 402 1.99 -21.13 -18.94
C LEU A 402 1.24 -20.16 -18.03
N LEU A 403 0.01 -19.81 -18.40
CA LEU A 403 -0.86 -18.89 -17.61
C LEU A 403 -1.12 -19.50 -16.22
N ARG A 404 -1.52 -20.77 -16.16
CA ARG A 404 -1.79 -21.44 -14.86
C ARG A 404 -0.52 -21.44 -14.02
N ARG A 405 0.64 -21.63 -14.65
CA ARG A 405 1.93 -21.72 -13.94
C ARG A 405 2.30 -20.35 -13.35
N LEU A 406 2.11 -19.29 -14.13
CA LEU A 406 2.32 -17.89 -13.67
C LEU A 406 1.40 -17.59 -12.49
N ASP A 407 0.11 -17.86 -12.64
CA ASP A 407 -0.89 -17.64 -11.56
C ASP A 407 -0.37 -18.26 -10.27
N ALA A 408 0.08 -19.51 -10.33
CA ALA A 408 0.44 -20.31 -9.14
C ALA A 408 1.78 -19.78 -8.57
N ALA A 409 2.72 -19.43 -9.43
CA ALA A 409 4.08 -19.01 -9.00
C ALA A 409 4.02 -17.65 -8.31
N PHE A 410 3.25 -16.68 -8.86
CA PHE A 410 3.19 -15.29 -8.37
C PHE A 410 2.22 -15.17 -7.17
N ALA A 411 1.36 -16.16 -6.94
CA ALA A 411 0.50 -16.23 -5.73
C ALA A 411 1.38 -16.00 -4.50
N SER A 412 0.84 -15.27 -3.52
CA SER A 412 1.44 -15.08 -2.18
C SER A 412 0.74 -15.99 -1.17
N ASP A 413 1.54 -16.82 -0.53
CA ASP A 413 1.21 -17.66 0.64
C ASP A 413 0.51 -16.77 1.68
N VAL A 414 1.22 -15.75 2.18
CA VAL A 414 0.66 -14.72 3.11
C VAL A 414 -0.11 -13.69 2.28
N PRO A 415 -1.38 -13.40 2.61
CA PRO A 415 -2.17 -12.45 1.84
C PRO A 415 -1.59 -11.02 1.89
N VAL A 416 -1.59 -10.36 0.73
CA VAL A 416 -1.05 -8.98 0.56
C VAL A 416 -2.01 -7.99 1.24
N GLN A 417 -1.43 -7.08 2.02
CA GLN A 417 -2.14 -6.02 2.79
C GLN A 417 -1.55 -4.67 2.41
N THR A 418 -2.10 -3.60 2.99
CA THR A 418 -1.75 -2.20 2.70
C THR A 418 -1.32 -1.62 4.04
N ALA A 419 -0.09 -1.12 4.11
CA ALA A 419 0.50 -0.69 5.40
C ALA A 419 -0.14 0.64 5.78
N PHE A 420 0.16 1.70 5.05
CA PHE A 420 -0.33 3.05 5.36
C PHE A 420 -0.17 3.92 4.12
N GLU A 421 -1.09 4.86 4.01
CA GLU A 421 -1.16 5.82 2.89
C GLU A 421 0.00 6.81 3.04
N PHE A 422 0.60 7.18 1.91
CA PHE A 422 1.64 8.23 1.80
C PHE A 422 1.37 9.00 0.50
S DMS B . -5.19 -3.83 5.48
O DMS B . -3.90 -3.98 6.25
C1 DMS B . -4.85 -4.26 3.82
C2 DMS B . -5.42 -2.09 5.22
CL1 XEL C . -3.19 10.25 4.92
C1 XEL C . -1.72 10.91 4.26
C2 XEL C . -1.45 10.74 2.92
C3 XEL C . -0.28 11.25 2.40
C4 XEL C . 0.63 11.95 3.21
C5 XEL C . 1.86 12.50 2.64
N1 XEL C . 2.40 13.55 3.12
N2 XEL C . 2.84 14.51 2.23
C6 XEL C . 4.22 14.79 2.15
C7 XEL C . 4.71 16.08 2.29
C8 XEL C . 6.08 16.26 2.20
F1 XEL C . 6.58 17.52 2.33
C9 XEL C . 6.96 15.25 1.98
C10 XEL C . 6.45 13.97 1.84
C11 XEL C . 5.09 13.73 1.92
C12 XEL C . 0.33 12.10 4.55
C13 XEL C . -0.85 11.59 5.08
C1 PEG D . -5.25 -10.28 8.57
O1 PEG D . -6.56 -10.58 8.97
C2 PEG D . -5.05 -8.80 8.40
O2 PEG D . -5.49 -8.07 9.55
C3 PEG D . -4.97 -8.58 10.77
C4 PEG D . -3.46 -8.68 10.71
O4 PEG D . -2.84 -7.43 10.84
S DMS E . 5.90 -16.78 -1.40
O DMS E . 6.52 -17.80 -0.48
C1 DMS E . 4.73 -15.90 -0.41
C2 DMS E . 4.73 -17.66 -2.40
S DMS F . 14.78 18.09 -0.03
O DMS F . 13.39 18.24 0.52
C1 DMS F . 14.62 17.32 -1.62
C2 DMS F . 15.50 16.75 0.89
S DMS G . -4.89 2.12 5.44
O DMS G . -4.22 3.45 5.24
C1 DMS G . -6.33 2.14 4.38
C2 DMS G . -3.91 0.94 4.55
S DMS H . 2.58 -13.95 -26.91
O DMS H . 3.82 -13.10 -27.12
C1 DMS H . 2.86 -15.48 -27.78
C2 DMS H . 1.31 -13.25 -27.94
C1 GOL I . 0.75 12.14 -4.72
O1 GOL I . -0.28 13.14 -4.73
C2 GOL I . 0.23 10.78 -5.10
O2 GOL I . -0.74 10.37 -4.13
C3 GOL I . -0.37 10.74 -6.49
O3 GOL I . -1.79 10.58 -6.48
C1 GOL J . 12.90 3.48 -15.61
O1 GOL J . 12.67 2.08 -15.51
C2 GOL J . 12.61 4.02 -17.00
O2 GOL J . 11.48 3.36 -17.56
C3 GOL J . 12.38 5.52 -17.01
O3 GOL J . 13.40 6.24 -16.31
C1 GOL K . -0.08 13.40 -0.63
O1 GOL K . -0.45 12.92 -1.92
C2 GOL K . -1.22 14.09 0.09
O2 GOL K . -2.30 13.17 0.27
C3 GOL K . -0.79 14.70 1.40
O3 GOL K . -1.86 15.36 2.09
#